data_7TI5
#
_entry.id   7TI5
#
loop_
_entity.id
_entity.type
_entity.pdbx_description
1 polymer 'Dyslexia-associated protein KIAA0319-like protein'
2 polymer 'Capsid protein'
#
loop_
_entity_poly.entity_id
_entity_poly.type
_entity_poly.pdbx_seq_one_letter_code
_entity_poly.pdbx_strand_id
1 'polypeptide(L)'
;MASVSAGESVQITLPKNEVQLNAYVLQEPPKGETYTYDWQLITHPRDYSGEMEGKHSQILKLSKLTPGLYEFKVIVEGQN
AHGEGYVNVTVKPEPRKNRPPIAIVSPQFQEISLPTTSTVIDGSQSTDDDKIVQYHWEELKGPLREEKISEDTAILKLSK
LVPGNYTFSLTVVDSDGATNSTTANLTVNKAVDYPPVANAGPNQVITLPQNSITLFGNQSTDDHGITSYEWSLSPSSKGK
VVEMQGVRTPTLQLSAMQEGDYTYQLTVTDTIGQQATAQVTVIVQPENNK
;
Z
2 'polypeptide(L)'
;MSFVDHPPDWLEEVGEGLREFLGLEAGPPKPKPNQQHQDQARGLVLPGYNYLGPGNGLDRGEPVNRADEVAREHDISYNE
QLEAGDNPYLKYNHADAEFQEKLADDTSFGGNLGKAVFQAKKRVLEPFGLVEEGAKTAPTGKRIDDHFPKRKKARTEEDS
KPSTSSDAEAGPSGSQQLQIPAQPASSLGADTMSAGGGGPLGDNNQGADGVGNASGDWHCDSTWMGDRVVTKSTRTWVLP
SYNNHQYREIKSGSVDGSNANAYFGYSTPWGYFDFNRFHSHWSPRDWQRLINNYWGFRPRSLRVKIFNIQVKEVTVQDST
TTIANNLTSTVQVFTDDDYQLPYVVGNGTEGCLPAFPPQVFTLPQYGYATLNRDNGDNPTERSSFFCLEYFPSKMLRTGN
NFEFTYSFEEVPFHCSFAPSQNLFKLANPLVDQYLYRFVSTSATGAIQFQKNLAGRYANTYKNWFPGPMGRTQGWNTSSG
SSTNRVSVNNFSVSNRMNLEGASYQVNPQPNGMTNTLQGSNRYALENTMIFNAQNATPGTTSVYPEDNLLLTSESETQPV
NRVAYNTGGQMATNAQNATTAPTVGTYNLQEVLPGSVWMERDVYLQGPIWAKIPETGAHFHPSPAMGGFGLKHPPPMMLI
KNTPVPGNITSFSDVPVSSFITQYSTGQVTVEMEWELKKENSKRWNPEIQYTNNYNDPQFVDFAPDGSGEYRTTRAIGTR
YLTRPL
;
A
#
# COMPACT_ATOMS: atom_id res chain seq x y z
N SER A 5 -25.98 21.34 -39.73
CA SER A 5 -25.70 21.79 -38.33
C SER A 5 -25.84 23.31 -38.21
N ALA A 6 -26.01 23.78 -36.97
CA ALA A 6 -26.15 25.21 -36.72
C ALA A 6 -24.82 25.82 -36.27
N GLY A 7 -24.84 27.12 -36.00
CA GLY A 7 -23.63 27.80 -35.56
C GLY A 7 -23.93 29.04 -34.75
N GLU A 8 -24.62 28.85 -33.62
CA GLU A 8 -24.98 29.95 -32.74
C GLU A 8 -23.76 30.51 -32.00
N SER A 9 -23.60 31.83 -32.03
CA SER A 9 -22.48 32.46 -31.36
C SER A 9 -22.97 33.44 -30.30
N VAL A 10 -22.37 33.39 -29.12
CA VAL A 10 -22.74 34.27 -28.02
C VAL A 10 -21.53 35.10 -27.59
N GLN A 11 -21.77 36.13 -26.78
CA GLN A 11 -20.69 36.99 -26.31
C GLN A 11 -20.96 37.56 -24.91
N ILE A 12 -19.88 37.68 -24.13
CA ILE A 12 -19.98 38.22 -22.77
C ILE A 12 -18.77 39.08 -22.46
N THR A 13 -18.89 39.94 -21.45
CA THR A 13 -17.80 40.82 -21.05
C THR A 13 -17.76 40.99 -19.53
N LEU A 14 -17.08 42.05 -19.07
CA LEU A 14 -16.98 42.35 -17.65
C LEU A 14 -16.37 41.18 -16.86
N PRO A 15 -16.26 41.32 -15.52
CA PRO A 15 -15.69 40.25 -14.68
C PRO A 15 -16.48 38.95 -14.68
N LYS A 16 -17.81 39.04 -14.69
CA LYS A 16 -18.65 37.85 -14.69
C LYS A 16 -18.24 36.90 -15.81
N ASN A 17 -18.27 35.60 -15.53
CA ASN A 17 -17.89 34.60 -16.52
C ASN A 17 -18.74 33.34 -16.48
N GLU A 18 -19.10 32.87 -15.28
CA GLU A 18 -19.92 31.67 -15.15
C GLU A 18 -21.18 31.78 -16.01
N VAL A 19 -21.36 30.82 -16.92
CA VAL A 19 -22.52 30.82 -17.81
C VAL A 19 -22.98 29.40 -18.14
N GLN A 20 -24.25 29.25 -18.51
CA GLN A 20 -24.82 27.96 -18.86
C GLN A 20 -25.36 27.96 -20.29
N LEU A 21 -25.21 26.84 -20.98
CA LEU A 21 -25.67 26.71 -22.36
C LEU A 21 -26.63 25.54 -22.54
N ASN A 22 -27.76 25.80 -23.17
CA ASN A 22 -28.77 24.77 -23.40
C ASN A 22 -28.51 24.10 -24.75
N ALA A 23 -29.36 23.14 -25.11
CA ALA A 23 -29.21 22.43 -26.38
C ALA A 23 -30.55 22.30 -27.10
N TYR A 24 -30.62 22.82 -28.32
CA TYR A 24 -31.84 22.78 -29.12
C TYR A 24 -31.66 21.94 -30.38
N VAL A 25 -32.56 20.99 -30.59
CA VAL A 25 -32.49 20.11 -31.76
C VAL A 25 -33.86 20.03 -32.45
N LEU A 26 -33.84 20.03 -33.78
CA LEU A 26 -35.05 19.95 -34.57
C LEU A 26 -35.60 18.52 -34.58
N GLN A 27 -36.86 18.37 -34.95
CA GLN A 27 -37.51 17.06 -35.00
C GLN A 27 -37.54 16.42 -33.62
N GLU A 28 -38.08 17.15 -32.65
CA GLU A 28 -38.17 16.67 -31.27
C GLU A 28 -39.00 15.40 -31.15
N PRO A 29 -38.44 14.37 -30.48
CA PRO A 29 -39.07 13.07 -30.26
C PRO A 29 -40.12 13.08 -29.15
N PRO A 30 -40.81 11.94 -28.94
CA PRO A 30 -41.83 11.85 -27.89
C PRO A 30 -41.21 11.87 -26.48
N LYS A 31 -42.07 11.97 -25.47
CA LYS A 31 -41.61 12.01 -24.08
C LYS A 31 -40.89 10.72 -23.70
N GLY A 32 -41.35 9.60 -24.25
CA GLY A 32 -40.74 8.32 -23.95
C GLY A 32 -39.32 8.15 -24.48
N GLU A 33 -38.91 9.05 -25.37
CA GLU A 33 -37.57 8.97 -25.95
C GLU A 33 -36.74 10.21 -25.64
N THR A 34 -35.74 10.04 -24.78
CA THR A 34 -34.86 11.13 -24.41
C THR A 34 -33.46 10.87 -25.00
N TYR A 35 -32.83 11.93 -25.49
CA TYR A 35 -31.50 11.80 -26.08
C TYR A 35 -30.40 11.97 -25.05
N THR A 36 -29.21 11.48 -25.37
CA THR A 36 -28.06 11.58 -24.48
C THR A 36 -27.07 12.59 -25.06
N TYR A 37 -27.25 13.86 -24.69
CA TYR A 37 -26.39 14.93 -25.17
C TYR A 37 -24.94 14.73 -24.74
N ASP A 38 -24.02 15.30 -25.51
CA ASP A 38 -22.59 15.18 -25.22
C ASP A 38 -21.86 16.44 -25.70
N TRP A 39 -21.23 17.15 -24.77
CA TRP A 39 -20.50 18.36 -25.11
C TRP A 39 -19.00 18.15 -25.13
N GLN A 40 -18.35 18.76 -26.12
CA GLN A 40 -16.90 18.67 -26.24
C GLN A 40 -16.35 20.08 -26.44
N LEU A 41 -15.38 20.46 -25.61
CA LEU A 41 -14.75 21.77 -25.73
C LEU A 41 -13.59 21.57 -26.70
N ILE A 42 -13.79 21.99 -27.94
CA ILE A 42 -12.76 21.84 -28.97
C ILE A 42 -11.79 23.01 -29.08
N THR A 43 -12.14 24.15 -28.49
CA THR A 43 -11.28 25.33 -28.54
C THR A 43 -11.48 26.17 -27.28
N HIS A 44 -10.39 26.68 -26.74
CA HIS A 44 -10.44 27.52 -25.55
C HIS A 44 -9.12 28.28 -25.38
N PRO A 45 -9.12 29.34 -24.55
CA PRO A 45 -7.93 30.15 -24.29
C PRO A 45 -6.83 29.28 -23.68
N ARG A 46 -5.57 29.61 -23.96
CA ARG A 46 -4.45 28.84 -23.45
C ARG A 46 -4.38 28.88 -21.92
N ASP A 47 -5.05 29.85 -21.33
CA ASP A 47 -5.07 30.04 -19.89
C ASP A 47 -6.19 29.28 -19.20
N TYR A 48 -7.22 28.93 -19.96
CA TYR A 48 -8.38 28.22 -19.43
C TYR A 48 -8.06 26.98 -18.59
N SER A 49 -8.64 26.96 -17.39
CA SER A 49 -8.49 25.84 -16.47
C SER A 49 -9.88 25.26 -16.34
N GLY A 50 -10.82 26.13 -16.00
CA GLY A 50 -12.23 25.78 -15.84
C GLY A 50 -12.71 24.36 -15.70
N GLU A 51 -14.03 24.22 -15.58
CA GLU A 51 -14.66 22.91 -15.43
C GLU A 51 -15.95 22.85 -16.23
N MET A 52 -16.34 21.62 -16.61
CA MET A 52 -17.56 21.41 -17.38
C MET A 52 -18.50 20.49 -16.61
N GLU A 53 -19.60 21.06 -16.11
CA GLU A 53 -20.56 20.29 -15.34
C GLU A 53 -21.82 20.01 -16.17
N GLY A 54 -22.29 18.77 -16.11
CA GLY A 54 -23.48 18.40 -16.86
C GLY A 54 -23.25 18.32 -18.35
N LYS A 55 -22.23 17.56 -18.76
CA LYS A 55 -21.91 17.40 -20.18
C LYS A 55 -22.95 16.56 -20.90
N HIS A 56 -23.40 15.50 -20.23
CA HIS A 56 -24.38 14.60 -20.82
C HIS A 56 -25.82 15.08 -20.66
N SER A 57 -25.98 16.31 -20.18
CA SER A 57 -27.29 16.90 -20.00
C SER A 57 -27.55 17.94 -21.09
N GLN A 58 -28.72 18.57 -21.04
CA GLN A 58 -29.08 19.59 -22.02
C GLN A 58 -28.34 20.90 -21.73
N ILE A 59 -28.10 21.16 -20.45
CA ILE A 59 -27.42 22.37 -20.04
C ILE A 59 -26.01 22.12 -19.53
N LEU A 60 -25.04 22.74 -20.19
CA LEU A 60 -23.63 22.60 -19.81
C LEU A 60 -23.26 23.88 -19.05
N LYS A 61 -22.81 23.71 -17.81
CA LYS A 61 -22.44 24.86 -16.99
C LYS A 61 -20.93 25.13 -17.06
N LEU A 62 -20.59 26.40 -17.26
CA LEU A 62 -19.19 26.82 -17.37
C LEU A 62 -18.83 27.79 -16.25
N SER A 63 -17.64 27.63 -15.70
CA SER A 63 -17.18 28.50 -14.62
C SER A 63 -15.70 28.84 -14.84
N LYS A 64 -15.25 29.92 -14.21
CA LYS A 64 -13.86 30.35 -14.33
C LYS A 64 -13.47 30.56 -15.80
N LEU A 65 -14.31 31.29 -16.52
CA LEU A 65 -14.05 31.56 -17.93
C LEU A 65 -13.16 32.79 -18.12
N THR A 66 -11.95 32.56 -18.61
CA THR A 66 -11.01 33.66 -18.86
C THR A 66 -11.27 34.19 -20.26
N PRO A 67 -10.91 35.47 -20.52
CA PRO A 67 -11.12 36.07 -21.84
C PRO A 67 -10.58 35.21 -22.98
N GLY A 68 -11.31 35.17 -24.08
CA GLY A 68 -10.88 34.38 -25.23
C GLY A 68 -12.02 33.73 -25.98
N LEU A 69 -11.67 32.85 -26.91
CA LEU A 69 -12.65 32.15 -27.73
C LEU A 69 -12.86 30.71 -27.28
N TYR A 70 -14.12 30.32 -27.15
CA TYR A 70 -14.48 28.95 -26.76
C TYR A 70 -15.34 28.32 -27.83
N GLU A 71 -14.95 27.13 -28.29
CA GLU A 71 -15.71 26.43 -29.31
C GLU A 71 -16.27 25.13 -28.74
N PHE A 72 -17.58 24.99 -28.76
CA PHE A 72 -18.22 23.78 -28.26
C PHE A 72 -18.86 23.00 -29.38
N LYS A 73 -19.11 21.72 -29.13
CA LYS A 73 -19.73 20.85 -30.12
C LYS A 73 -20.67 19.88 -29.42
N VAL A 74 -21.93 20.26 -29.31
CA VAL A 74 -22.93 19.41 -28.68
C VAL A 74 -23.51 18.41 -29.69
N ILE A 75 -23.40 17.13 -29.37
CA ILE A 75 -23.90 16.08 -30.24
C ILE A 75 -25.13 15.40 -29.64
N VAL A 76 -26.27 15.54 -30.32
CA VAL A 76 -27.53 14.96 -29.86
C VAL A 76 -27.95 13.80 -30.76
N GLU A 77 -27.93 12.59 -30.22
CA GLU A 77 -28.30 11.40 -30.98
C GLU A 77 -29.38 10.58 -30.29
N GLY A 78 -30.08 9.76 -31.08
CA GLY A 78 -31.14 8.93 -30.55
C GLY A 78 -31.34 7.68 -31.38
N GLN A 79 -32.58 7.18 -31.42
CA GLN A 79 -32.90 5.99 -32.19
C GLN A 79 -33.05 6.34 -33.67
N ASN A 80 -32.00 6.08 -34.45
CA ASN A 80 -31.99 6.37 -35.88
C ASN A 80 -32.13 7.87 -36.10
N ALA A 81 -31.18 8.65 -35.57
CA ALA A 81 -31.20 10.10 -35.72
C ALA A 81 -30.04 10.75 -34.99
N HIS A 82 -28.91 10.90 -35.69
CA HIS A 82 -27.73 11.53 -35.12
C HIS A 82 -27.71 13.00 -35.50
N GLY A 83 -27.23 13.84 -34.59
CA GLY A 83 -27.16 15.27 -34.87
C GLY A 83 -26.16 15.97 -33.98
N GLU A 84 -25.91 17.25 -34.26
CA GLU A 84 -24.96 18.02 -33.47
C GLU A 84 -24.99 19.51 -33.79
N GLY A 85 -24.72 20.32 -32.78
CA GLY A 85 -24.72 21.76 -32.95
C GLY A 85 -23.37 22.35 -32.60
N TYR A 86 -23.15 23.60 -33.03
CA TYR A 86 -21.90 24.28 -32.76
C TYR A 86 -22.17 25.62 -32.11
N VAL A 87 -21.38 25.97 -31.11
CA VAL A 87 -21.56 27.24 -30.42
C VAL A 87 -20.21 27.89 -30.10
N ASN A 88 -20.13 29.19 -30.37
CA ASN A 88 -18.93 29.96 -30.13
C ASN A 88 -19.19 30.95 -28.99
N VAL A 89 -18.27 31.02 -28.04
CA VAL A 89 -18.42 31.93 -26.92
C VAL A 89 -17.18 32.82 -26.87
N THR A 90 -17.41 34.13 -26.84
CA THR A 90 -16.31 35.08 -26.80
C THR A 90 -16.38 35.91 -25.53
N VAL A 91 -15.31 35.87 -24.75
CA VAL A 91 -15.23 36.62 -23.51
C VAL A 91 -14.24 37.77 -23.71
N LYS A 92 -14.62 38.96 -23.25
CA LYS A 92 -13.77 40.13 -23.40
C LYS A 92 -13.02 40.46 -22.10
N ASP B 209 7.50 -15.58 -31.57
CA ASP B 209 7.91 -16.78 -32.36
C ASP B 209 6.77 -17.30 -33.23
N GLY B 210 5.66 -17.68 -32.61
CA GLY B 210 4.54 -18.19 -33.38
C GLY B 210 3.19 -18.17 -32.68
N VAL B 211 2.14 -18.11 -33.48
CA VAL B 211 0.77 -18.09 -32.98
C VAL B 211 0.35 -19.39 -32.29
N GLY B 212 0.80 -20.52 -32.83
CA GLY B 212 0.42 -21.80 -32.25
C GLY B 212 1.51 -22.48 -31.42
N ASN B 213 2.39 -21.69 -30.84
CA ASN B 213 3.47 -22.21 -30.02
C ASN B 213 3.50 -21.47 -28.69
N ALA B 214 3.45 -22.20 -27.58
CA ALA B 214 3.49 -21.56 -26.27
C ALA B 214 4.86 -20.92 -26.05
N SER B 215 4.87 -19.73 -25.47
CA SER B 215 6.13 -19.03 -25.22
C SER B 215 6.62 -19.18 -23.78
N GLY B 216 6.12 -20.20 -23.07
CA GLY B 216 6.53 -20.44 -21.71
C GLY B 216 5.70 -21.51 -21.03
N ASP B 217 6.23 -22.10 -19.95
CA ASP B 217 5.53 -23.14 -19.20
C ASP B 217 5.07 -22.66 -17.83
N TRP B 218 4.34 -23.49 -17.12
CA TRP B 218 3.83 -23.15 -15.81
C TRP B 218 4.78 -23.67 -14.73
N HIS B 219 5.36 -22.76 -13.96
CA HIS B 219 6.27 -23.12 -12.87
C HIS B 219 5.84 -22.64 -11.50
N CYS B 220 5.35 -23.52 -10.67
CA CYS B 220 5.01 -23.15 -9.32
C CYS B 220 5.71 -24.21 -8.49
N ASP B 221 6.54 -23.80 -7.55
CA ASP B 221 7.33 -24.76 -6.80
C ASP B 221 8.19 -24.16 -5.72
N SER B 222 8.74 -24.96 -4.85
CA SER B 222 9.70 -24.50 -3.85
C SER B 222 10.73 -25.57 -3.81
N THR B 223 11.96 -25.18 -3.78
CA THR B 223 13.05 -26.12 -3.74
C THR B 223 13.97 -25.69 -2.62
N TRP B 224 14.06 -26.54 -1.60
CA TRP B 224 14.91 -26.28 -0.45
C TRP B 224 16.24 -26.97 -0.65
N MET B 225 17.33 -26.22 -0.55
CA MET B 225 18.65 -26.78 -0.71
C MET B 225 19.63 -26.17 0.29
N GLY B 226 19.62 -26.69 1.51
CA GLY B 226 20.50 -26.19 2.54
C GLY B 226 20.11 -24.84 3.14
N ASP B 227 20.93 -23.83 2.89
CA ASP B 227 20.69 -22.50 3.39
C ASP B 227 20.03 -21.62 2.33
N ARG B 228 19.47 -22.25 1.30
CA ARG B 228 18.80 -21.52 0.23
C ARG B 228 17.47 -22.17 -0.06
N VAL B 229 16.54 -21.35 -0.53
CA VAL B 229 15.24 -21.84 -0.92
C VAL B 229 14.81 -21.00 -2.12
N VAL B 230 14.39 -21.69 -3.18
CA VAL B 230 13.94 -21.01 -4.38
C VAL B 230 12.43 -21.22 -4.51
N THR B 231 11.70 -20.12 -4.60
CA THR B 231 10.24 -20.17 -4.75
C THR B 231 9.91 -19.76 -6.19
N LYS B 232 8.92 -20.42 -6.79
CA LYS B 232 8.48 -20.11 -8.16
C LYS B 232 6.98 -20.02 -8.16
N SER B 233 6.46 -18.94 -8.72
CA SER B 233 5.03 -18.74 -8.78
C SER B 233 4.65 -18.32 -10.18
N THR B 234 3.56 -18.87 -10.69
CA THR B 234 3.04 -18.51 -11.97
C THR B 234 1.59 -18.19 -11.73
N ARG B 235 1.11 -17.10 -12.33
CA ARG B 235 -0.26 -16.67 -12.20
C ARG B 235 -0.77 -16.18 -13.56
N THR B 236 -2.08 -16.14 -13.72
CA THR B 236 -2.68 -15.65 -14.94
C THR B 236 -3.17 -14.24 -14.64
N TRP B 237 -2.83 -13.30 -15.50
CA TRP B 237 -3.28 -11.92 -15.30
C TRP B 237 -4.15 -11.46 -16.45
N VAL B 238 -4.86 -10.36 -16.24
CA VAL B 238 -5.67 -9.75 -17.26
C VAL B 238 -5.45 -8.24 -17.14
N LEU B 239 -5.13 -7.60 -18.26
CA LEU B 239 -4.87 -6.16 -18.27
C LEU B 239 -5.93 -5.38 -19.03
N PRO B 240 -6.68 -4.53 -18.32
CA PRO B 240 -7.71 -3.74 -19.00
C PRO B 240 -7.04 -2.55 -19.69
N SER B 241 -7.72 -1.92 -20.63
CA SER B 241 -7.17 -0.74 -21.28
C SER B 241 -7.62 0.44 -20.41
N TYR B 242 -6.79 0.81 -19.43
CA TYR B 242 -7.11 1.91 -18.50
C TYR B 242 -7.15 3.29 -19.12
N ASN B 243 -8.14 4.08 -18.72
CA ASN B 243 -8.28 5.45 -19.17
C ASN B 243 -8.61 5.65 -20.66
N ASN B 244 -8.62 4.56 -21.42
CA ASN B 244 -8.89 4.61 -22.85
C ASN B 244 -7.66 5.21 -23.55
N HIS B 245 -6.49 4.75 -23.11
CA HIS B 245 -5.19 5.16 -23.64
C HIS B 245 -4.76 6.60 -23.35
N GLN B 246 -5.39 7.25 -22.37
CA GLN B 246 -5.03 8.62 -22.06
C GLN B 246 -4.45 8.84 -20.67
N TYR B 247 -3.70 9.93 -20.53
CA TYR B 247 -3.15 10.32 -19.25
C TYR B 247 -4.14 11.31 -18.72
N ARG B 248 -4.43 11.23 -17.43
CA ARG B 248 -5.37 12.17 -16.85
C ARG B 248 -4.80 12.80 -15.60
N GLU B 249 -5.10 14.07 -15.43
CA GLU B 249 -4.70 14.81 -14.26
C GLU B 249 -5.78 14.51 -13.23
N ILE B 250 -5.41 13.82 -12.17
CA ILE B 250 -6.35 13.49 -11.10
C ILE B 250 -6.04 14.38 -9.91
N LYS B 251 -7.08 14.84 -9.23
CA LYS B 251 -6.88 15.70 -8.08
C LYS B 251 -8.03 15.60 -7.10
N SER B 252 -7.76 15.99 -5.86
CA SER B 252 -8.77 15.96 -4.82
C SER B 252 -8.55 17.08 -3.83
N GLY B 253 -9.65 17.61 -3.31
CA GLY B 253 -9.55 18.66 -2.32
C GLY B 253 -9.61 17.98 -0.97
N SER B 254 -10.13 18.66 0.04
CA SER B 254 -10.25 18.08 1.36
C SER B 254 -11.42 17.09 1.40
N VAL B 255 -11.13 15.86 1.81
CA VAL B 255 -12.14 14.81 1.91
C VAL B 255 -12.27 14.39 3.37
N ASP B 256 -13.51 14.16 3.82
CA ASP B 256 -13.77 13.77 5.19
C ASP B 256 -13.27 14.82 6.19
N GLY B 257 -13.32 16.09 5.77
CA GLY B 257 -12.89 17.17 6.64
C GLY B 257 -11.39 17.20 6.94
N SER B 258 -10.60 16.55 6.10
CA SER B 258 -9.16 16.53 6.30
C SER B 258 -8.41 16.91 5.03
N ASN B 259 -7.70 18.03 5.07
CA ASN B 259 -6.96 18.47 3.90
C ASN B 259 -5.67 17.68 3.66
N ALA B 260 -5.45 16.65 4.47
CA ALA B 260 -4.29 15.81 4.28
C ALA B 260 -4.68 14.83 3.18
N ASN B 261 -5.97 14.84 2.85
CA ASN B 261 -6.50 13.99 1.80
C ASN B 261 -6.37 14.63 0.42
N ALA B 262 -6.05 15.93 0.38
CA ALA B 262 -5.91 16.62 -0.89
C ALA B 262 -4.66 16.16 -1.62
N TYR B 263 -4.74 16.09 -2.94
CA TYR B 263 -3.59 15.68 -3.72
C TYR B 263 -3.76 16.13 -5.16
N PHE B 264 -2.67 16.05 -5.90
CA PHE B 264 -2.62 16.40 -7.30
C PHE B 264 -1.74 15.32 -7.95
N GLY B 265 -2.26 14.65 -8.95
CA GLY B 265 -1.45 13.62 -9.58
C GLY B 265 -1.88 13.27 -10.98
N TYR B 266 -1.44 12.11 -11.43
CA TYR B 266 -1.74 11.64 -12.76
C TYR B 266 -2.08 10.17 -12.76
N SER B 267 -3.11 9.82 -13.53
CA SER B 267 -3.46 8.43 -13.69
C SER B 267 -2.95 8.15 -15.09
N THR B 268 -2.30 7.01 -15.27
CA THR B 268 -1.76 6.68 -16.56
C THR B 268 -2.52 5.50 -17.17
N PRO B 269 -2.30 5.25 -18.46
CA PRO B 269 -3.00 4.12 -19.08
C PRO B 269 -2.30 2.78 -18.82
N TRP B 270 -1.21 2.82 -18.06
CA TRP B 270 -0.43 1.63 -17.74
C TRP B 270 -0.91 0.87 -16.51
N GLY B 271 -0.53 -0.40 -16.46
CA GLY B 271 -0.84 -1.27 -15.35
C GLY B 271 0.52 -1.71 -14.86
N TYR B 272 0.59 -2.35 -13.71
CA TYR B 272 1.88 -2.80 -13.22
C TYR B 272 1.77 -4.09 -12.44
N PHE B 273 2.87 -4.84 -12.43
CA PHE B 273 2.98 -6.10 -11.73
C PHE B 273 3.55 -5.83 -10.34
N ASP B 274 2.83 -6.27 -9.32
CA ASP B 274 3.26 -6.11 -7.94
C ASP B 274 3.48 -7.53 -7.36
N PHE B 275 4.70 -7.80 -6.86
CA PHE B 275 5.06 -9.09 -6.29
C PHE B 275 5.45 -8.91 -4.82
N ASN B 276 5.08 -7.78 -4.25
CA ASN B 276 5.45 -7.43 -2.89
C ASN B 276 4.55 -7.87 -1.73
N ARG B 277 4.36 -9.17 -1.63
CA ARG B 277 3.59 -9.80 -0.55
C ARG B 277 4.15 -11.19 -0.44
N PHE B 278 4.33 -11.68 0.79
CA PHE B 278 4.90 -13.00 0.99
C PHE B 278 4.09 -14.14 0.41
N HIS B 279 2.77 -14.09 0.52
CA HIS B 279 1.94 -15.15 -0.01
C HIS B 279 1.90 -15.26 -1.54
N SER B 280 2.56 -14.35 -2.24
CA SER B 280 2.63 -14.40 -3.69
C SER B 280 3.77 -15.35 -4.05
N HIS B 281 4.56 -15.71 -3.05
CA HIS B 281 5.73 -16.55 -3.24
C HIS B 281 5.75 -17.79 -2.36
N TRP B 282 5.12 -17.70 -1.21
CA TRP B 282 5.13 -18.80 -0.26
C TRP B 282 3.77 -19.42 -0.03
N SER B 283 3.70 -20.74 -0.14
CA SER B 283 2.46 -21.46 0.12
C SER B 283 2.39 -21.47 1.66
N PRO B 284 1.22 -21.71 2.25
CA PRO B 284 1.14 -21.72 3.73
C PRO B 284 1.99 -22.81 4.39
N ARG B 285 2.15 -23.95 3.73
CA ARG B 285 2.96 -25.03 4.27
C ARG B 285 4.47 -24.71 4.21
N ASP B 286 4.94 -24.09 3.14
CA ASP B 286 6.34 -23.70 3.04
C ASP B 286 6.68 -22.61 4.05
N TRP B 287 5.70 -21.75 4.33
CA TRP B 287 5.87 -20.68 5.30
C TRP B 287 6.04 -21.31 6.68
N GLN B 288 5.24 -22.33 6.97
CA GLN B 288 5.31 -23.07 8.23
C GLN B 288 6.69 -23.74 8.36
N ARG B 289 7.17 -24.33 7.28
CA ARG B 289 8.46 -24.98 7.30
C ARG B 289 9.55 -23.94 7.57
N LEU B 290 9.38 -22.73 7.05
CA LEU B 290 10.33 -21.64 7.26
C LEU B 290 10.37 -21.11 8.69
N ILE B 291 9.22 -20.74 9.23
CA ILE B 291 9.15 -20.17 10.57
C ILE B 291 9.35 -21.11 11.75
N ASN B 292 9.24 -22.42 11.51
CA ASN B 292 9.42 -23.38 12.59
C ASN B 292 10.85 -23.89 12.65
N ASN B 293 11.62 -23.62 11.61
CA ASN B 293 12.96 -24.15 11.54
C ASN B 293 14.11 -23.20 11.35
N TYR B 294 13.85 -21.94 11.03
CA TYR B 294 14.94 -21.03 10.81
C TYR B 294 14.94 -19.80 11.69
N TRP B 295 16.11 -19.22 11.86
CA TRP B 295 16.22 -18.02 12.67
C TRP B 295 16.05 -16.76 11.87
N GLY B 296 16.17 -16.87 10.55
CA GLY B 296 16.00 -15.71 9.71
C GLY B 296 16.18 -16.00 8.23
N PHE B 297 15.81 -15.02 7.42
CA PHE B 297 15.92 -15.16 5.99
C PHE B 297 16.02 -13.80 5.36
N ARG B 298 16.34 -13.77 4.06
CA ARG B 298 16.45 -12.53 3.31
C ARG B 298 16.47 -12.84 1.82
N PRO B 299 15.93 -11.93 0.99
CA PRO B 299 15.88 -12.10 -0.47
C PRO B 299 17.27 -11.98 -1.10
N ARG B 300 17.55 -12.84 -2.08
CA ARG B 300 18.84 -12.79 -2.76
C ARG B 300 18.68 -12.40 -4.22
N SER B 301 17.74 -13.03 -4.92
CA SER B 301 17.54 -12.70 -6.33
C SER B 301 16.11 -12.84 -6.78
N LEU B 302 15.84 -12.33 -7.98
CA LEU B 302 14.52 -12.34 -8.55
C LEU B 302 14.59 -12.46 -10.06
N ARG B 303 13.69 -13.24 -10.63
CA ARG B 303 13.62 -13.43 -12.06
C ARG B 303 12.14 -13.37 -12.41
N VAL B 304 11.77 -12.53 -13.36
CA VAL B 304 10.38 -12.41 -13.77
C VAL B 304 10.23 -12.73 -15.24
N LYS B 305 9.14 -13.38 -15.59
CA LYS B 305 8.87 -13.69 -16.98
C LYS B 305 7.39 -13.55 -17.28
N ILE B 306 7.09 -12.81 -18.34
CA ILE B 306 5.73 -12.57 -18.81
C ILE B 306 5.64 -13.29 -20.15
N PHE B 307 4.66 -14.18 -20.31
CA PHE B 307 4.52 -14.96 -21.53
C PHE B 307 3.08 -15.35 -21.86
N ASN B 308 2.91 -16.05 -22.98
CA ASN B 308 1.61 -16.50 -23.49
C ASN B 308 0.60 -15.37 -23.53
N ILE B 309 1.01 -14.26 -24.12
CA ILE B 309 0.16 -13.09 -24.23
C ILE B 309 -0.97 -13.31 -25.25
N GLN B 310 -2.15 -12.82 -24.90
CA GLN B 310 -3.33 -12.92 -25.74
C GLN B 310 -4.06 -11.59 -25.71
N VAL B 311 -4.17 -10.95 -26.86
CA VAL B 311 -4.89 -9.69 -26.93
C VAL B 311 -6.26 -9.97 -27.50
N LYS B 312 -7.29 -9.52 -26.82
CA LYS B 312 -8.66 -9.75 -27.24
C LYS B 312 -9.33 -8.45 -27.68
N GLU B 313 -10.07 -8.53 -28.77
CA GLU B 313 -10.80 -7.38 -29.29
C GLU B 313 -12.24 -7.54 -28.79
N VAL B 314 -12.79 -6.48 -28.21
CA VAL B 314 -14.15 -6.50 -27.69
C VAL B 314 -15.02 -5.62 -28.59
N THR B 315 -16.16 -6.15 -29.02
CA THR B 315 -17.05 -5.38 -29.88
C THR B 315 -18.51 -5.49 -29.47
N VAL B 316 -19.08 -4.37 -29.05
CA VAL B 316 -20.48 -4.35 -28.63
C VAL B 316 -21.35 -3.70 -29.71
N GLN B 317 -22.39 -4.41 -30.12
CA GLN B 317 -23.31 -3.92 -31.13
C GLN B 317 -24.63 -3.58 -30.45
N ASP B 318 -25.73 -4.11 -30.97
CA ASP B 318 -27.04 -3.86 -30.35
C ASP B 318 -27.32 -4.95 -29.33
N SER B 319 -27.07 -4.65 -28.06
CA SER B 319 -27.30 -5.61 -26.97
C SER B 319 -26.53 -6.91 -27.19
N THR B 320 -25.30 -6.78 -27.69
CA THR B 320 -24.44 -7.93 -27.95
C THR B 320 -22.97 -7.53 -27.78
N THR B 321 -22.23 -8.32 -27.00
CA THR B 321 -20.82 -8.05 -26.78
C THR B 321 -19.96 -9.27 -27.13
N THR B 322 -19.41 -9.27 -28.34
CA THR B 322 -18.57 -10.37 -28.79
C THR B 322 -17.10 -10.17 -28.44
N ILE B 323 -16.37 -11.28 -28.37
CA ILE B 323 -14.94 -11.24 -28.04
C ILE B 323 -14.17 -12.15 -28.99
N ALA B 324 -13.20 -11.56 -29.69
CA ALA B 324 -12.38 -12.31 -30.63
C ALA B 324 -10.94 -11.91 -30.40
N ASN B 325 -9.99 -12.79 -30.73
CA ASN B 325 -8.60 -12.43 -30.53
C ASN B 325 -8.03 -11.64 -31.70
N ASN B 326 -7.14 -10.71 -31.37
CA ASN B 326 -6.49 -9.86 -32.35
C ASN B 326 -5.05 -10.32 -32.41
N LEU B 327 -4.73 -11.15 -33.39
CA LEU B 327 -3.39 -11.70 -33.53
C LEU B 327 -2.26 -10.73 -33.83
N THR B 328 -2.58 -9.53 -34.28
CA THR B 328 -1.53 -8.56 -34.59
C THR B 328 -1.32 -7.47 -33.56
N SER B 329 -2.16 -7.44 -32.53
CA SER B 329 -2.05 -6.43 -31.48
C SER B 329 -0.87 -6.67 -30.54
N THR B 330 -0.29 -5.58 -30.04
CA THR B 330 0.83 -5.72 -29.14
C THR B 330 0.51 -5.23 -27.74
N VAL B 331 1.45 -5.51 -26.86
CA VAL B 331 1.38 -5.11 -25.47
C VAL B 331 2.78 -4.53 -25.27
N GLN B 332 2.89 -3.44 -24.50
CA GLN B 332 4.17 -2.80 -24.23
C GLN B 332 4.62 -3.05 -22.80
N VAL B 333 5.88 -3.39 -22.62
CA VAL B 333 6.39 -3.67 -21.28
C VAL B 333 7.76 -3.09 -21.02
N PHE B 334 7.94 -2.51 -19.84
CA PHE B 334 9.26 -2.00 -19.47
C PHE B 334 9.45 -2.01 -17.96
N THR B 335 10.70 -2.01 -17.53
CA THR B 335 10.99 -1.97 -16.09
C THR B 335 11.73 -0.66 -15.85
N ASP B 336 11.46 -0.02 -14.73
CA ASP B 336 12.11 1.25 -14.38
C ASP B 336 13.38 0.97 -13.57
N ASP B 337 14.41 0.51 -14.28
CA ASP B 337 15.70 0.15 -13.72
C ASP B 337 16.49 1.23 -12.96
N ASP B 338 16.35 2.47 -13.38
CA ASP B 338 17.07 3.57 -12.74
C ASP B 338 16.25 4.32 -11.71
N TYR B 339 15.04 3.85 -11.44
CA TYR B 339 14.17 4.47 -10.46
C TYR B 339 13.91 5.93 -10.76
N GLN B 340 13.52 6.19 -12.00
CA GLN B 340 13.24 7.53 -12.45
C GLN B 340 11.76 7.86 -12.32
N LEU B 341 10.96 6.87 -11.96
CA LEU B 341 9.53 7.06 -11.80
C LEU B 341 9.12 6.94 -10.35
N PRO B 342 8.01 7.58 -9.98
CA PRO B 342 7.51 7.49 -8.60
C PRO B 342 7.25 6.00 -8.30
N TYR B 343 7.98 5.45 -7.34
CA TYR B 343 7.84 4.04 -6.97
C TYR B 343 6.64 3.86 -6.03
N VAL B 344 5.53 3.36 -6.56
CA VAL B 344 4.33 3.19 -5.74
C VAL B 344 4.12 1.77 -5.21
N VAL B 345 5.07 0.87 -5.47
CA VAL B 345 4.95 -0.53 -5.06
C VAL B 345 5.00 -0.93 -3.57
N GLY B 346 5.80 -0.26 -2.75
CA GLY B 346 5.85 -0.68 -1.36
C GLY B 346 5.09 0.16 -0.36
N ASN B 347 3.79 0.33 -0.58
CA ASN B 347 2.98 1.13 0.33
C ASN B 347 1.70 0.42 0.75
N GLY B 348 1.79 -0.90 0.89
CA GLY B 348 0.66 -1.71 1.31
C GLY B 348 -0.63 -1.62 0.50
N THR B 349 -0.51 -1.55 -0.82
CA THR B 349 -1.69 -1.45 -1.67
C THR B 349 -2.04 -2.76 -2.38
N GLU B 350 -3.29 -2.84 -2.83
CA GLU B 350 -3.82 -3.99 -3.53
C GLU B 350 -3.26 -4.20 -4.94
N GLY B 351 -3.51 -5.40 -5.49
CA GLY B 351 -3.07 -5.71 -6.83
C GLY B 351 -1.90 -6.67 -6.98
N CYS B 352 -1.40 -7.21 -5.88
CA CYS B 352 -0.27 -8.15 -5.95
C CYS B 352 -0.73 -9.51 -6.49
N LEU B 353 0.24 -10.34 -6.87
CA LEU B 353 -0.04 -11.67 -7.35
C LEU B 353 -0.82 -12.37 -6.24
N PRO B 354 -1.99 -12.93 -6.56
CA PRO B 354 -2.82 -13.63 -5.56
C PRO B 354 -2.14 -14.81 -4.86
N ALA B 355 -2.53 -15.01 -3.61
CA ALA B 355 -2.00 -16.08 -2.76
C ALA B 355 -2.25 -17.49 -3.34
N PHE B 356 -3.48 -17.75 -3.75
CA PHE B 356 -3.87 -19.04 -4.31
C PHE B 356 -3.56 -19.08 -5.83
N PRO B 357 -2.61 -19.93 -6.25
CA PRO B 357 -2.16 -20.09 -7.65
C PRO B 357 -3.19 -20.06 -8.79
N PRO B 358 -4.35 -20.74 -8.64
CA PRO B 358 -5.36 -20.73 -9.72
C PRO B 358 -6.16 -19.44 -9.88
N GLN B 359 -6.00 -18.50 -8.95
CA GLN B 359 -6.75 -17.24 -9.03
C GLN B 359 -6.19 -16.32 -10.13
N VAL B 360 -7.09 -15.88 -11.02
CA VAL B 360 -6.73 -14.97 -12.11
C VAL B 360 -6.90 -13.56 -11.57
N PHE B 361 -5.95 -12.68 -11.83
CA PHE B 361 -6.05 -11.33 -11.31
C PHE B 361 -5.87 -10.20 -12.31
N THR B 362 -6.47 -9.05 -12.01
CA THR B 362 -6.35 -7.88 -12.85
C THR B 362 -5.17 -7.04 -12.38
N LEU B 363 -4.37 -6.54 -13.31
CA LEU B 363 -3.25 -5.69 -12.94
C LEU B 363 -3.82 -4.34 -12.55
N PRO B 364 -3.30 -3.73 -11.47
CA PRO B 364 -3.75 -2.42 -11.01
C PRO B 364 -3.23 -1.31 -11.94
N GLN B 365 -3.96 -0.21 -11.99
CA GLN B 365 -3.58 0.92 -12.84
C GLN B 365 -2.52 1.81 -12.17
N TYR B 366 -1.45 2.10 -12.90
CA TYR B 366 -0.38 2.96 -12.38
C TYR B 366 -0.78 4.43 -12.37
N GLY B 367 -0.61 5.04 -11.19
CA GLY B 367 -0.92 6.43 -10.97
C GLY B 367 0.01 6.93 -9.89
N TYR B 368 0.09 8.24 -9.70
CA TYR B 368 0.95 8.80 -8.65
C TYR B 368 0.52 10.19 -8.29
N ALA B 369 0.92 10.63 -7.09
CA ALA B 369 0.59 11.96 -6.63
C ALA B 369 1.91 12.73 -6.69
N THR B 370 1.83 14.01 -7.01
CA THR B 370 3.03 14.81 -7.02
C THR B 370 2.75 15.92 -6.03
N LEU B 371 3.34 17.10 -6.21
CA LEU B 371 3.12 18.18 -5.26
C LEU B 371 1.86 18.98 -5.49
N ASN B 372 1.15 19.25 -4.41
CA ASN B 372 -0.05 20.06 -4.50
C ASN B 372 0.20 21.32 -3.70
N ARG B 373 -0.53 22.38 -4.01
CA ARG B 373 -0.36 23.66 -3.35
C ARG B 373 -1.30 23.90 -2.18
N ASP B 374 -0.72 24.38 -1.08
CA ASP B 374 -1.43 24.71 0.16
C ASP B 374 -2.51 23.71 0.58
N ASN B 375 -2.17 22.42 0.56
CA ASN B 375 -3.11 21.38 0.95
C ASN B 375 -4.41 21.51 0.18
N GLY B 376 -4.28 21.67 -1.14
CA GLY B 376 -5.44 21.81 -2.01
C GLY B 376 -5.26 20.91 -3.21
N ASP B 377 -6.11 21.06 -4.21
CA ASP B 377 -6.01 20.22 -5.41
C ASP B 377 -5.32 20.91 -6.58
N ASN B 378 -4.48 21.90 -6.28
CA ASN B 378 -3.75 22.62 -7.32
C ASN B 378 -2.30 22.23 -7.34
N PRO B 379 -1.66 22.27 -8.51
CA PRO B 379 -0.25 21.90 -8.56
C PRO B 379 0.63 23.10 -8.16
N THR B 380 1.93 22.86 -8.07
CA THR B 380 2.89 23.92 -7.74
C THR B 380 3.86 23.97 -8.93
N GLU B 381 4.76 24.96 -8.93
CA GLU B 381 5.74 25.08 -9.99
C GLU B 381 6.68 23.88 -10.01
N ARG B 382 6.69 23.12 -8.92
CA ARG B 382 7.55 21.95 -8.83
C ARG B 382 6.87 20.63 -9.12
N SER B 383 5.57 20.65 -9.36
CA SER B 383 4.86 19.42 -9.67
C SER B 383 5.45 18.82 -10.94
N SER B 384 5.71 17.53 -10.93
CA SER B 384 6.30 16.90 -12.09
C SER B 384 5.39 15.92 -12.81
N PHE B 385 5.40 16.01 -14.13
CA PHE B 385 4.62 15.08 -14.92
C PHE B 385 5.63 14.10 -15.51
N PHE B 386 5.35 12.81 -15.40
CA PHE B 386 6.22 11.78 -15.96
C PHE B 386 5.44 11.07 -17.05
N CYS B 387 6.01 11.03 -18.25
CA CYS B 387 5.37 10.36 -19.38
C CYS B 387 6.00 8.97 -19.48
N LEU B 388 5.22 7.92 -19.30
CA LEU B 388 5.76 6.56 -19.37
C LEU B 388 6.12 6.12 -20.78
N GLU B 389 5.60 6.80 -21.79
CA GLU B 389 5.95 6.45 -23.17
C GLU B 389 7.34 6.98 -23.49
N TYR B 390 7.88 7.81 -22.61
CA TYR B 390 9.19 8.35 -22.83
C TYR B 390 10.30 7.43 -22.31
N PHE B 391 10.01 6.14 -22.24
CA PHE B 391 10.97 5.13 -21.82
C PHE B 391 10.96 4.08 -22.92
N PRO B 392 12.10 3.42 -23.14
CA PRO B 392 12.10 2.40 -24.19
C PRO B 392 11.44 1.12 -23.66
N SER B 393 10.44 0.61 -24.38
CA SER B 393 9.77 -0.60 -23.95
C SER B 393 9.71 -1.66 -25.03
N LYS B 394 9.61 -2.92 -24.60
CA LYS B 394 9.55 -4.02 -25.54
C LYS B 394 8.10 -4.18 -25.98
N MET B 395 7.88 -4.48 -27.24
CA MET B 395 6.52 -4.69 -27.73
C MET B 395 6.34 -6.17 -28.00
N LEU B 396 5.23 -6.70 -27.53
CA LEU B 396 4.97 -8.12 -27.68
C LEU B 396 3.68 -8.44 -28.40
N ARG B 397 3.78 -9.33 -29.37
CA ARG B 397 2.60 -9.83 -30.08
C ARG B 397 2.40 -11.22 -29.41
N THR B 398 1.36 -11.95 -29.76
CA THR B 398 1.09 -13.27 -29.15
C THR B 398 2.21 -14.30 -29.05
N GLY B 399 3.21 -14.25 -29.93
CA GLY B 399 4.26 -15.23 -29.83
C GLY B 399 5.49 -14.83 -29.04
N ASN B 400 5.53 -13.58 -28.62
CA ASN B 400 6.68 -13.03 -27.88
C ASN B 400 6.55 -13.12 -26.38
N ASN B 401 7.70 -13.14 -25.68
CA ASN B 401 7.71 -13.14 -24.23
C ASN B 401 8.75 -12.14 -23.71
N PHE B 402 8.67 -11.80 -22.45
CA PHE B 402 9.57 -10.84 -21.84
C PHE B 402 10.16 -11.40 -20.55
N GLU B 403 11.47 -11.27 -20.40
CA GLU B 403 12.16 -11.78 -19.22
C GLU B 403 13.02 -10.71 -18.56
N PHE B 404 13.04 -10.72 -17.24
CA PHE B 404 13.80 -9.76 -16.48
C PHE B 404 14.45 -10.41 -15.25
N THR B 405 15.66 -10.00 -14.93
CA THR B 405 16.36 -10.56 -13.78
C THR B 405 16.89 -9.43 -12.87
N TYR B 406 16.99 -9.71 -11.58
CA TYR B 406 17.43 -8.72 -10.59
C TYR B 406 18.05 -9.35 -9.34
N SER B 407 19.04 -8.70 -8.76
CA SER B 407 19.64 -9.21 -7.54
C SER B 407 19.54 -8.18 -6.42
N PHE B 408 19.17 -8.64 -5.24
CA PHE B 408 19.01 -7.77 -4.08
C PHE B 408 20.37 -7.33 -3.52
N GLU B 409 20.37 -6.17 -2.89
CA GLU B 409 21.58 -5.62 -2.27
C GLU B 409 21.75 -6.34 -0.93
N GLU B 410 22.97 -6.36 -0.39
CA GLU B 410 23.20 -7.01 0.90
C GLU B 410 22.27 -6.32 1.89
N VAL B 411 21.33 -7.08 2.45
CA VAL B 411 20.39 -6.54 3.42
C VAL B 411 20.49 -7.45 4.64
N PRO B 412 20.27 -6.92 5.85
CA PRO B 412 20.36 -7.79 7.02
C PRO B 412 19.20 -8.80 7.08
N PHE B 413 19.47 -9.95 7.69
CA PHE B 413 18.46 -11.01 7.83
C PHE B 413 17.30 -10.53 8.68
N HIS B 414 16.09 -10.98 8.34
CA HIS B 414 14.95 -10.65 9.15
C HIS B 414 15.08 -11.63 10.32
N CYS B 415 14.77 -11.20 11.54
CA CYS B 415 14.89 -12.07 12.71
C CYS B 415 13.62 -12.84 13.01
N SER B 416 13.68 -14.15 12.78
CA SER B 416 12.53 -15.02 13.02
C SER B 416 12.60 -15.73 14.37
N PHE B 417 12.92 -15.00 15.43
CA PHE B 417 12.99 -15.61 16.74
C PHE B 417 12.56 -14.60 17.77
N ALA B 418 12.06 -15.13 18.88
CA ALA B 418 11.62 -14.33 19.99
C ALA B 418 12.68 -14.51 21.07
N PRO B 419 12.89 -13.47 21.89
CA PRO B 419 13.89 -13.56 22.96
C PRO B 419 13.39 -14.44 24.11
N SER B 420 14.25 -15.29 24.66
CA SER B 420 13.82 -16.14 25.78
C SER B 420 14.31 -15.59 27.11
N GLN B 421 14.75 -14.33 27.08
CA GLN B 421 15.23 -13.62 28.26
C GLN B 421 14.69 -12.20 28.18
N ASN B 422 14.46 -11.60 29.34
CA ASN B 422 13.98 -10.24 29.41
C ASN B 422 15.21 -9.31 29.46
N LEU B 423 15.15 -8.19 28.73
CA LEU B 423 16.26 -7.23 28.66
C LEU B 423 16.78 -6.71 30.01
N PHE B 424 15.88 -6.56 30.99
CA PHE B 424 16.28 -6.06 32.30
C PHE B 424 16.63 -7.13 33.31
N LYS B 425 16.66 -8.39 32.89
CA LYS B 425 16.96 -9.47 33.81
C LYS B 425 18.06 -10.35 33.24
N LEU B 426 19.09 -9.72 32.71
CA LEU B 426 20.21 -10.45 32.11
C LEU B 426 21.27 -10.86 33.13
N ALA B 427 21.22 -10.27 34.32
CA ALA B 427 22.19 -10.59 35.35
C ALA B 427 21.90 -11.93 36.03
N ASN B 428 22.95 -12.64 36.41
CA ASN B 428 22.87 -13.92 37.11
C ASN B 428 22.06 -13.70 38.39
N PRO B 429 20.92 -14.38 38.55
CA PRO B 429 20.06 -14.25 39.72
C PRO B 429 20.64 -14.81 41.04
N LEU B 430 21.83 -15.39 40.97
CA LEU B 430 22.46 -15.98 42.16
C LEU B 430 23.59 -15.12 42.73
N VAL B 431 24.06 -14.15 41.96
CA VAL B 431 25.17 -13.30 42.41
C VAL B 431 24.79 -11.83 42.51
N ASP B 432 25.28 -11.15 43.53
CA ASP B 432 24.99 -9.72 43.68
C ASP B 432 25.90 -8.92 42.77
N GLN B 433 25.59 -7.64 42.59
CA GLN B 433 26.45 -6.77 41.80
C GLN B 433 27.43 -6.12 42.79
N TYR B 434 28.60 -5.74 42.31
CA TYR B 434 29.56 -5.06 43.18
C TYR B 434 29.28 -3.56 43.09
N LEU B 435 28.02 -3.23 42.83
CA LEU B 435 27.59 -1.84 42.70
C LEU B 435 26.55 -1.49 43.76
N TYR B 436 26.60 -0.25 44.23
CA TYR B 436 25.65 0.23 45.23
C TYR B 436 24.74 1.30 44.67
N ARG B 437 23.60 1.48 45.26
CA ARG B 437 22.64 2.43 44.75
C ARG B 437 22.16 3.35 45.85
N PHE B 438 21.83 4.58 45.47
CA PHE B 438 21.31 5.57 46.40
C PHE B 438 19.91 5.09 46.77
N VAL B 439 19.63 4.99 48.06
CA VAL B 439 18.33 4.51 48.51
C VAL B 439 17.54 5.53 49.31
N SER B 440 18.25 6.43 49.98
CA SER B 440 17.58 7.43 50.79
C SER B 440 18.52 8.47 51.35
N THR B 441 17.97 9.31 52.21
CA THR B 441 18.73 10.36 52.84
C THR B 441 18.37 10.24 54.31
N SER B 442 19.36 10.38 55.19
CA SER B 442 19.11 10.27 56.62
C SER B 442 18.27 11.44 57.13
N ALA B 443 18.02 11.46 58.43
CA ALA B 443 17.22 12.51 59.06
C ALA B 443 17.99 13.83 59.11
N THR B 444 19.23 13.81 58.62
CA THR B 444 20.05 15.00 58.61
C THR B 444 20.49 15.34 57.19
N GLY B 445 19.94 14.61 56.22
CA GLY B 445 20.26 14.87 54.83
C GLY B 445 21.42 14.09 54.22
N ALA B 446 22.03 13.19 55.00
CA ALA B 446 23.15 12.42 54.48
C ALA B 446 22.65 11.37 53.49
N ILE B 447 23.26 11.31 52.31
CA ILE B 447 22.85 10.32 51.32
C ILE B 447 23.24 8.94 51.82
N GLN B 448 22.38 7.95 51.57
CA GLN B 448 22.62 6.58 52.00
C GLN B 448 22.57 5.58 50.86
N PHE B 449 23.38 4.53 50.96
CA PHE B 449 23.43 3.54 49.91
C PHE B 449 23.26 2.10 50.38
N GLN B 450 22.97 1.21 49.42
CA GLN B 450 22.80 -0.22 49.65
C GLN B 450 23.34 -0.98 48.44
N LYS B 451 23.81 -2.19 48.67
CA LYS B 451 24.35 -3.04 47.60
C LYS B 451 23.18 -3.63 46.80
N ASN B 452 23.35 -3.79 45.51
CA ASN B 452 22.32 -4.37 44.66
C ASN B 452 22.42 -5.89 44.77
N LEU B 453 21.43 -6.49 45.43
CA LEU B 453 21.41 -7.92 45.66
C LEU B 453 21.08 -8.81 44.48
N ALA B 454 21.38 -10.09 44.66
CA ALA B 454 21.14 -11.11 43.65
C ALA B 454 19.65 -11.31 43.36
N GLY B 455 19.29 -11.24 42.08
CA GLY B 455 17.90 -11.44 41.69
C GLY B 455 16.95 -10.26 41.84
N ARG B 456 17.41 -9.16 42.43
CA ARG B 456 16.55 -8.00 42.59
C ARG B 456 16.70 -7.14 41.33
N TYR B 457 16.08 -7.60 40.25
CA TYR B 457 16.16 -6.91 38.97
C TYR B 457 15.57 -5.51 38.89
N ALA B 458 14.77 -5.14 39.87
CA ALA B 458 14.21 -3.80 39.89
C ALA B 458 15.33 -2.80 40.21
N ASN B 459 16.40 -3.28 40.85
CA ASN B 459 17.50 -2.41 41.26
C ASN B 459 18.86 -2.57 40.61
N THR B 460 19.07 -3.63 39.84
CA THR B 460 20.39 -3.80 39.25
C THR B 460 20.75 -2.69 38.26
N TYR B 461 22.04 -2.43 38.09
CA TYR B 461 22.49 -1.43 37.13
C TYR B 461 22.29 -2.12 35.80
N LYS B 462 21.85 -1.37 34.79
CA LYS B 462 21.61 -1.94 33.48
C LYS B 462 22.64 -1.45 32.48
N ASN B 463 22.91 -2.24 31.45
CA ASN B 463 23.86 -1.85 30.43
C ASN B 463 23.14 -1.43 29.17
N TRP B 464 21.92 -1.96 29.01
CA TRP B 464 21.13 -1.71 27.82
C TRP B 464 19.72 -1.25 28.09
N PHE B 465 19.16 -0.53 27.13
CA PHE B 465 17.82 0.00 27.28
C PHE B 465 16.90 -0.36 26.14
N PRO B 466 15.59 -0.34 26.41
CA PRO B 466 14.57 -0.65 25.40
C PRO B 466 14.52 0.43 24.33
N GLY B 467 14.06 0.05 23.15
CA GLY B 467 13.96 0.99 22.04
C GLY B 467 13.01 2.13 22.27
N PRO B 468 12.86 3.01 21.28
CA PRO B 468 11.98 4.18 21.36
C PRO B 468 10.50 3.82 21.41
N MET B 469 9.72 4.65 22.09
CA MET B 469 8.29 4.43 22.18
C MET B 469 7.51 5.73 22.06
N GLY B 470 6.25 5.60 21.67
CA GLY B 470 5.38 6.75 21.54
C GLY B 470 4.01 6.23 21.88
N ARG B 471 3.53 6.56 23.06
CA ARG B 471 2.24 6.08 23.53
C ARG B 471 1.08 6.20 22.54
N THR B 472 0.32 5.12 22.44
CA THR B 472 -0.84 5.05 21.56
C THR B 472 -1.95 4.52 22.47
N GLN B 473 -3.20 4.84 22.14
CA GLN B 473 -4.33 4.40 22.96
C GLN B 473 -4.52 2.87 22.89
N GLY B 474 -5.00 2.29 23.98
CA GLY B 474 -5.24 0.86 24.01
C GLY B 474 -6.72 0.55 24.04
N TRP B 475 -7.14 -0.48 23.32
CA TRP B 475 -8.56 -0.86 23.27
C TRP B 475 -8.70 -2.35 23.49
N ASN B 476 -9.79 -2.73 24.10
CA ASN B 476 -9.99 -4.13 24.37
C ASN B 476 -10.70 -4.80 23.25
N THR B 477 -10.22 -5.95 22.83
CA THR B 477 -10.95 -6.73 21.89
C THR B 477 -12.29 -7.18 22.56
N SER B 478 -13.05 -8.00 21.89
CA SER B 478 -14.39 -8.40 22.36
C SER B 478 -14.57 -8.82 23.81
N SER B 479 -13.78 -9.78 24.27
CA SER B 479 -13.92 -10.25 25.64
C SER B 479 -14.03 -9.08 26.60
N GLY B 480 -13.30 -8.01 26.35
CA GLY B 480 -13.33 -6.85 27.20
C GLY B 480 -13.91 -5.59 26.60
N SER B 481 -14.91 -5.72 25.75
CA SER B 481 -15.48 -4.56 25.07
C SER B 481 -16.37 -3.72 25.98
N SER B 482 -16.75 -4.28 27.12
CA SER B 482 -17.61 -3.56 28.07
C SER B 482 -16.80 -2.55 28.85
N THR B 483 -15.48 -2.66 28.78
CA THR B 483 -14.59 -1.74 29.48
C THR B 483 -14.05 -0.66 28.54
N ASN B 484 -14.49 -0.68 27.28
CA ASN B 484 -14.07 0.34 26.33
C ASN B 484 -15.00 1.54 26.41
N ARG B 485 -14.47 2.71 26.11
CA ARG B 485 -15.27 3.93 26.10
C ARG B 485 -16.22 3.73 24.92
N VAL B 486 -17.48 4.12 25.07
CA VAL B 486 -18.44 3.94 23.98
C VAL B 486 -18.59 5.14 23.04
N SER B 487 -18.98 4.83 21.81
CA SER B 487 -19.20 5.85 20.78
C SER B 487 -18.12 6.90 20.62
N VAL B 488 -16.88 6.49 20.41
CA VAL B 488 -15.80 7.44 20.23
C VAL B 488 -15.25 7.41 18.80
N ASN B 489 -15.11 8.58 18.20
CA ASN B 489 -14.58 8.70 16.84
C ASN B 489 -13.07 8.85 16.97
N ASN B 490 -12.35 7.81 16.59
CA ASN B 490 -10.90 7.77 16.70
C ASN B 490 -10.04 8.83 16.03
N PHE B 491 -10.44 9.33 14.87
CA PHE B 491 -9.61 10.33 14.18
C PHE B 491 -9.19 11.53 15.03
N SER B 492 -10.14 12.12 15.75
CA SER B 492 -9.85 13.29 16.58
C SER B 492 -8.88 13.01 17.72
N VAL B 493 -8.85 11.77 18.21
CA VAL B 493 -7.97 11.41 19.31
C VAL B 493 -6.91 10.38 18.94
N SER B 494 -6.41 10.45 17.70
CA SER B 494 -5.40 9.51 17.25
C SER B 494 -4.00 10.13 17.21
N ASN B 495 -3.00 9.29 17.05
CA ASN B 495 -1.62 9.76 16.96
C ASN B 495 -1.42 10.32 15.57
N ARG B 496 -1.02 11.58 15.49
CA ARG B 496 -0.81 12.20 14.19
C ARG B 496 0.46 13.01 14.10
N MET B 497 1.02 13.08 12.90
CA MET B 497 2.22 13.87 12.66
C MET B 497 1.82 14.96 11.68
N ASN B 498 2.42 16.13 11.82
CA ASN B 498 2.13 17.24 10.92
C ASN B 498 3.20 17.32 9.83
N LEU B 499 2.78 17.71 8.63
CA LEU B 499 3.71 17.84 7.53
C LEU B 499 3.08 18.79 6.51
N GLU B 500 3.81 19.85 6.17
CA GLU B 500 3.33 20.84 5.21
C GLU B 500 1.99 21.48 5.56
N GLY B 501 1.72 21.66 6.85
CA GLY B 501 0.47 22.29 7.25
C GLY B 501 -0.73 21.37 7.45
N ALA B 502 -0.54 20.06 7.31
CA ALA B 502 -1.64 19.12 7.49
C ALA B 502 -1.27 17.98 8.44
N SER B 503 -2.27 17.38 9.09
CA SER B 503 -2.03 16.28 10.01
C SER B 503 -2.44 14.93 9.44
N TYR B 504 -1.51 13.98 9.48
CA TYR B 504 -1.74 12.64 8.96
C TYR B 504 -1.64 11.61 10.07
N GLN B 505 -2.45 10.55 9.97
CA GLN B 505 -2.34 9.47 10.95
C GLN B 505 -1.05 8.77 10.53
N VAL B 506 -0.32 8.19 11.48
CA VAL B 506 0.92 7.52 11.13
C VAL B 506 1.03 6.05 11.53
N ASN B 507 -0.05 5.31 11.31
CA ASN B 507 -0.07 3.88 11.60
C ASN B 507 0.92 3.24 10.65
N PRO B 508 1.63 2.18 11.09
CA PRO B 508 1.52 1.55 12.40
C PRO B 508 2.57 2.04 13.41
N GLN B 509 2.95 3.32 13.32
CA GLN B 509 3.94 3.96 14.21
C GLN B 509 5.33 3.44 13.89
N PRO B 510 6.37 4.10 14.44
CA PRO B 510 7.74 3.62 14.16
C PRO B 510 8.03 2.34 14.97
N ASN B 511 9.02 1.58 14.53
CA ASN B 511 9.42 0.34 15.21
C ASN B 511 9.95 0.58 16.62
N GLY B 512 9.91 -0.46 17.44
CA GLY B 512 10.41 -0.34 18.81
C GLY B 512 9.42 -0.66 19.91
N MET B 513 8.16 -0.87 19.54
CA MET B 513 7.14 -1.18 20.54
C MET B 513 6.38 -2.46 20.26
N THR B 514 5.71 -2.96 21.29
CA THR B 514 4.89 -4.15 21.15
C THR B 514 3.48 -3.57 21.28
N ASN B 515 2.55 -4.04 20.45
CA ASN B 515 1.18 -3.51 20.48
C ASN B 515 0.26 -4.18 21.50
N THR B 516 0.70 -5.30 22.04
CA THR B 516 -0.09 -6.03 23.04
C THR B 516 0.81 -6.61 24.12
N LEU B 517 0.19 -6.97 25.24
CA LEU B 517 0.91 -7.54 26.35
C LEU B 517 0.40 -8.96 26.60
N GLN B 518 1.07 -9.92 25.99
CA GLN B 518 0.74 -11.35 26.09
C GLN B 518 -0.03 -11.70 27.35
N GLY B 519 -1.25 -12.20 27.18
CA GLY B 519 -2.08 -12.56 28.32
C GLY B 519 -3.24 -11.60 28.54
N SER B 520 -3.28 -10.54 27.74
CA SER B 520 -4.34 -9.53 27.85
C SER B 520 -5.09 -9.40 26.54
N ASN B 521 -6.23 -8.72 26.57
CA ASN B 521 -7.03 -8.52 25.37
C ASN B 521 -7.03 -7.07 24.93
N ARG B 522 -6.10 -6.29 25.46
CA ARG B 522 -6.01 -4.87 25.11
C ARG B 522 -4.96 -4.67 24.02
N TYR B 523 -5.35 -3.98 22.96
CA TYR B 523 -4.46 -3.72 21.83
C TYR B 523 -4.24 -2.24 21.59
N ALA B 524 -3.03 -1.90 21.15
CA ALA B 524 -2.71 -0.53 20.78
C ALA B 524 -2.98 -0.61 19.27
N LEU B 525 -4.24 -0.49 18.91
CA LEU B 525 -4.69 -0.61 17.53
C LEU B 525 -3.95 0.19 16.44
N GLU B 526 -3.42 1.36 16.79
CA GLU B 526 -2.70 2.15 15.80
C GLU B 526 -1.30 1.62 15.58
N ASN B 527 -0.85 0.72 16.44
CA ASN B 527 0.47 0.13 16.32
C ASN B 527 0.31 -1.30 15.79
N THR B 528 -0.88 -1.59 15.28
CA THR B 528 -1.22 -2.93 14.77
C THR B 528 -1.46 -3.01 13.27
N MET B 529 -0.97 -4.08 12.63
CA MET B 529 -1.22 -4.31 11.21
C MET B 529 -2.57 -5.05 11.17
N ILE B 530 -3.53 -4.53 10.43
CA ILE B 530 -4.83 -5.20 10.34
C ILE B 530 -5.17 -5.61 8.91
N PHE B 531 -5.34 -6.91 8.71
CA PHE B 531 -5.68 -7.47 7.40
C PHE B 531 -7.12 -7.96 7.38
N ASN B 532 -7.67 -8.07 6.17
CA ASN B 532 -9.01 -8.59 6.00
C ASN B 532 -8.79 -10.10 5.82
N ALA B 533 -9.76 -10.91 6.23
CA ALA B 533 -9.61 -12.36 6.09
C ALA B 533 -9.83 -12.74 4.62
N GLN B 534 -10.49 -11.86 3.88
CA GLN B 534 -10.77 -12.08 2.47
C GLN B 534 -10.49 -10.83 1.64
N ASN B 535 -10.50 -10.98 0.32
CA ASN B 535 -10.27 -9.84 -0.58
C ASN B 535 -11.54 -8.99 -0.59
N ALA B 536 -11.38 -7.68 -0.47
CA ALA B 536 -12.53 -6.77 -0.45
C ALA B 536 -12.69 -6.04 -1.78
N THR B 537 -13.89 -5.53 -2.02
CA THR B 537 -14.18 -4.80 -3.25
C THR B 537 -13.56 -3.40 -3.18
N PRO B 538 -13.32 -2.76 -4.33
CA PRO B 538 -12.72 -1.43 -4.35
C PRO B 538 -13.65 -0.30 -3.90
N GLY B 539 -13.20 0.47 -2.92
CA GLY B 539 -13.97 1.60 -2.41
C GLY B 539 -15.02 1.30 -1.37
N THR B 540 -14.98 0.11 -0.77
CA THR B 540 -15.96 -0.26 0.25
C THR B 540 -15.81 0.63 1.48
N THR B 541 -16.93 1.11 2.02
CA THR B 541 -16.92 1.98 3.19
C THR B 541 -17.68 1.35 4.36
N SER B 542 -17.87 0.04 4.31
CA SER B 542 -18.57 -0.66 5.37
C SER B 542 -17.72 -0.63 6.65
N VAL B 543 -18.38 -0.69 7.79
CA VAL B 543 -17.69 -0.69 9.08
C VAL B 543 -17.60 -2.13 9.58
N TYR B 544 -16.40 -2.69 9.53
CA TYR B 544 -16.18 -4.07 9.95
C TYR B 544 -15.93 -4.27 11.43
N PRO B 545 -16.44 -5.36 12.00
CA PRO B 545 -16.25 -5.67 13.42
C PRO B 545 -14.95 -6.49 13.41
N GLU B 546 -14.42 -6.86 14.57
CA GLU B 546 -13.18 -7.64 14.59
C GLU B 546 -13.36 -9.09 14.14
N ASP B 547 -14.60 -9.52 13.94
CA ASP B 547 -14.91 -10.89 13.54
C ASP B 547 -14.58 -11.20 12.07
N ASN B 548 -14.41 -10.16 11.27
CA ASN B 548 -14.09 -10.32 9.86
C ASN B 548 -12.61 -10.09 9.58
N LEU B 549 -11.93 -9.46 10.54
CA LEU B 549 -10.52 -9.13 10.34
C LEU B 549 -9.49 -9.96 11.10
N LEU B 550 -8.25 -9.86 10.63
CA LEU B 550 -7.12 -10.55 11.22
C LEU B 550 -6.19 -9.53 11.90
N LEU B 551 -6.20 -9.52 13.23
CA LEU B 551 -5.35 -8.60 13.99
C LEU B 551 -4.00 -9.27 14.28
N THR B 552 -2.92 -8.53 14.13
CA THR B 552 -1.59 -9.08 14.38
C THR B 552 -1.09 -8.66 15.77
N SER B 553 -0.45 -9.60 16.45
CA SER B 553 0.08 -9.35 17.79
C SER B 553 1.60 -9.49 17.79
N GLU B 554 2.28 -8.49 18.34
CA GLU B 554 3.74 -8.51 18.41
C GLU B 554 4.23 -8.82 19.84
N SER B 555 3.38 -9.47 20.63
CA SER B 555 3.72 -9.79 22.02
C SER B 555 5.00 -10.61 22.23
N GLU B 556 5.47 -11.33 21.21
CA GLU B 556 6.69 -12.11 21.33
C GLU B 556 7.89 -11.19 21.61
N THR B 557 7.78 -9.94 21.21
CA THR B 557 8.86 -8.98 21.41
C THR B 557 8.79 -8.23 22.73
N GLN B 558 7.77 -8.49 23.54
CA GLN B 558 7.63 -7.78 24.81
C GLN B 558 8.78 -7.89 25.83
N PRO B 559 9.65 -8.91 25.71
CA PRO B 559 10.73 -8.94 26.72
C PRO B 559 11.74 -7.85 26.41
N VAL B 560 11.71 -7.35 25.17
CA VAL B 560 12.64 -6.32 24.72
C VAL B 560 11.98 -4.98 24.36
N ASN B 561 10.83 -5.03 23.67
CA ASN B 561 10.11 -3.82 23.24
C ASN B 561 9.11 -3.37 24.30
N ARG B 562 9.00 -2.07 24.49
CA ARG B 562 8.05 -1.52 25.45
C ARG B 562 6.62 -1.58 24.95
N VAL B 563 5.66 -1.64 25.87
CA VAL B 563 4.24 -1.72 25.52
C VAL B 563 3.72 -0.38 25.02
N ALA B 564 3.23 -0.37 23.78
CA ALA B 564 2.74 0.85 23.13
C ALA B 564 1.65 1.66 23.83
N TYR B 565 0.78 1.02 24.63
CA TYR B 565 -0.26 1.80 25.29
C TYR B 565 -0.01 2.24 26.73
N ASN B 566 1.19 1.96 27.26
CA ASN B 566 1.52 2.38 28.63
C ASN B 566 2.55 3.50 28.58
N THR B 567 2.73 4.21 29.69
CA THR B 567 3.73 5.28 29.75
C THR B 567 5.10 4.61 29.65
N GLY B 568 6.07 5.32 29.08
CA GLY B 568 7.39 4.75 28.92
C GLY B 568 8.21 4.68 30.20
N GLY B 569 7.89 5.53 31.17
CA GLY B 569 8.61 5.57 32.42
C GLY B 569 8.42 6.90 33.13
N GLN B 570 9.38 7.27 33.97
CA GLN B 570 9.33 8.54 34.69
C GLN B 570 10.73 9.12 34.92
N MET B 571 10.82 10.44 34.97
CA MET B 571 12.09 11.11 35.20
C MET B 571 11.92 12.25 36.18
N ALA B 572 13.04 12.76 36.69
CA ALA B 572 13.03 13.87 37.65
C ALA B 572 12.47 15.11 36.99
N THR B 573 11.71 15.90 37.75
CA THR B 573 11.12 17.11 37.18
C THR B 573 11.39 18.38 38.00
N ASN B 574 12.43 18.36 38.82
CA ASN B 574 12.76 19.53 39.63
C ASN B 574 14.09 19.36 40.35
N ALA B 575 14.43 20.32 41.20
CA ALA B 575 15.66 20.28 41.96
C ALA B 575 15.31 20.18 43.44
N GLN B 576 15.66 19.06 44.05
CA GLN B 576 15.40 18.77 45.45
C GLN B 576 16.13 19.73 46.40
N ASN B 577 15.43 20.17 47.44
CA ASN B 577 15.98 21.07 48.44
C ASN B 577 15.50 20.62 49.81
N ALA B 578 15.94 21.34 50.85
CA ALA B 578 15.53 21.01 52.20
C ALA B 578 14.07 21.43 52.37
N THR B 579 13.55 22.17 51.40
CA THR B 579 12.17 22.64 51.44
C THR B 579 11.29 22.03 50.35
N THR B 580 11.89 21.65 49.22
CA THR B 580 11.13 21.05 48.12
C THR B 580 11.48 19.57 47.98
N ALA B 581 10.45 18.72 48.02
CA ALA B 581 10.62 17.29 47.89
C ALA B 581 10.88 16.87 46.45
N PRO B 582 11.64 15.79 46.25
CA PRO B 582 11.94 15.31 44.90
C PRO B 582 10.65 14.98 44.16
N THR B 583 10.55 15.40 42.90
CA THR B 583 9.36 15.14 42.10
C THR B 583 9.71 14.43 40.80
N VAL B 584 8.83 13.54 40.37
CA VAL B 584 9.01 12.80 39.12
C VAL B 584 7.77 12.96 38.25
N GLY B 585 7.97 12.81 36.94
CA GLY B 585 6.88 12.92 36.00
C GLY B 585 7.02 11.86 34.92
N THR B 586 5.91 11.23 34.55
CA THR B 586 5.94 10.21 33.52
C THR B 586 6.04 10.81 32.13
N TYR B 587 6.65 10.09 31.21
CA TYR B 587 6.77 10.56 29.85
C TYR B 587 6.05 9.59 28.91
N ASN B 588 5.31 10.15 27.96
CA ASN B 588 4.55 9.36 27.01
C ASN B 588 5.35 8.96 25.78
N LEU B 589 6.35 9.75 25.43
CA LEU B 589 7.16 9.42 24.27
C LEU B 589 8.63 9.57 24.55
N GLN B 590 9.45 8.72 23.92
CA GLN B 590 10.88 8.78 24.08
C GLN B 590 11.53 8.22 22.82
N GLU B 591 12.40 9.01 22.21
CA GLU B 591 13.05 8.58 20.99
C GLU B 591 14.31 7.77 21.26
N VAL B 592 15.05 7.46 20.20
CA VAL B 592 16.26 6.67 20.32
C VAL B 592 17.35 7.22 21.24
N LEU B 593 17.99 6.31 21.98
CA LEU B 593 19.04 6.66 22.92
C LEU B 593 20.25 5.77 22.72
N PRO B 594 21.45 6.25 23.06
CA PRO B 594 22.62 5.38 22.89
C PRO B 594 22.49 4.15 23.79
N GLY B 595 22.89 3.00 23.25
CA GLY B 595 22.81 1.77 24.01
C GLY B 595 21.41 1.20 24.14
N SER B 596 20.52 1.52 23.22
CA SER B 596 19.16 1.00 23.26
C SER B 596 19.02 -0.10 22.23
N VAL B 597 18.16 -1.07 22.53
CA VAL B 597 17.94 -2.20 21.64
C VAL B 597 16.44 -2.45 21.54
N TRP B 598 16.02 -2.95 20.39
CA TRP B 598 14.61 -3.24 20.18
C TRP B 598 14.51 -4.26 19.07
N MET B 599 13.31 -4.77 18.85
CA MET B 599 13.08 -5.73 17.79
C MET B 599 12.18 -5.10 16.75
N GLU B 600 12.50 -5.30 15.47
CA GLU B 600 11.68 -4.74 14.39
C GLU B 600 10.34 -5.48 14.31
N ARG B 601 9.41 -4.92 13.53
CA ARG B 601 8.10 -5.52 13.36
C ARG B 601 8.27 -6.86 12.65
N ASP B 602 7.47 -7.85 13.03
CA ASP B 602 7.55 -9.16 12.40
C ASP B 602 6.91 -9.13 11.00
N VAL B 603 7.28 -10.09 10.15
CA VAL B 603 6.69 -10.16 8.83
C VAL B 603 5.59 -11.22 8.83
N TYR B 604 4.59 -11.02 7.99
CA TYR B 604 3.47 -11.95 7.93
C TYR B 604 3.37 -12.58 6.57
N LEU B 605 2.74 -13.73 6.52
CA LEU B 605 2.55 -14.42 5.26
C LEU B 605 1.74 -13.51 4.33
N GLN B 606 0.77 -12.79 4.86
CA GLN B 606 -0.02 -11.89 4.03
C GLN B 606 0.42 -10.43 4.05
N GLY B 607 1.68 -10.17 4.40
CA GLY B 607 2.17 -8.80 4.45
C GLY B 607 3.23 -8.49 3.42
N PRO B 608 3.71 -7.24 3.38
CA PRO B 608 4.75 -6.78 2.44
C PRO B 608 6.14 -7.34 2.68
N ILE B 609 6.89 -7.49 1.60
CA ILE B 609 8.25 -8.00 1.68
C ILE B 609 9.29 -6.86 1.76
N TRP B 610 9.17 -5.85 0.92
CA TRP B 610 10.14 -4.75 0.92
C TRP B 610 9.49 -3.39 0.79
N ALA B 611 10.30 -2.36 0.96
CA ALA B 611 9.88 -0.96 0.83
C ALA B 611 11.09 -0.21 0.31
N LYS B 612 10.85 0.80 -0.51
CA LYS B 612 11.95 1.58 -1.03
C LYS B 612 12.28 2.71 -0.04
N ILE B 613 13.55 2.82 0.33
CA ILE B 613 13.98 3.88 1.24
C ILE B 613 13.91 5.21 0.47
N PRO B 614 13.16 6.19 0.98
CA PRO B 614 13.06 7.49 0.30
C PRO B 614 14.41 8.14 0.14
N GLU B 615 14.74 8.56 -1.08
CA GLU B 615 16.02 9.21 -1.35
C GLU B 615 15.99 10.68 -0.96
N THR B 616 16.62 11.00 0.17
CA THR B 616 16.66 12.36 0.68
C THR B 616 18.07 12.77 1.09
N GLY B 617 18.94 11.78 1.24
CA GLY B 617 20.31 12.07 1.62
C GLY B 617 20.58 11.94 3.11
N ALA B 618 19.53 11.67 3.89
CA ALA B 618 19.66 11.52 5.33
C ALA B 618 18.50 10.73 5.93
N HIS B 619 18.83 9.61 6.57
CA HIS B 619 17.81 8.77 7.19
C HIS B 619 18.42 8.03 8.36
N PHE B 620 17.57 7.51 9.23
CA PHE B 620 18.04 6.75 10.37
C PHE B 620 17.39 5.38 10.42
N HIS B 621 18.21 4.33 10.52
CA HIS B 621 17.72 2.97 10.62
C HIS B 621 16.57 2.70 9.64
N PRO B 622 16.89 2.65 8.35
CA PRO B 622 15.93 2.42 7.26
C PRO B 622 15.19 1.09 7.27
N SER B 623 14.28 0.93 8.22
CA SER B 623 13.46 -0.26 8.32
C SER B 623 12.03 0.24 8.27
N PRO B 624 11.29 -0.12 7.20
CA PRO B 624 9.90 0.31 7.04
C PRO B 624 9.02 -0.07 8.23
N ALA B 625 8.13 0.84 8.60
CA ALA B 625 7.24 0.64 9.72
C ALA B 625 6.32 -0.58 9.57
N MET B 626 5.89 -0.87 8.34
CA MET B 626 5.02 -2.02 8.10
C MET B 626 5.78 -3.35 8.06
N GLY B 627 7.07 -3.31 8.37
CA GLY B 627 7.88 -4.52 8.35
C GLY B 627 8.42 -4.83 6.97
N GLY B 628 9.42 -5.70 6.92
CA GLY B 628 10.01 -6.06 5.65
C GLY B 628 11.43 -5.53 5.53
N PHE B 629 11.95 -5.57 4.32
CA PHE B 629 13.30 -5.12 4.10
C PHE B 629 13.33 -3.74 3.45
N GLY B 630 14.11 -2.83 4.03
CA GLY B 630 14.24 -1.48 3.49
C GLY B 630 15.29 -1.54 2.40
N LEU B 631 14.95 -1.13 1.18
CA LEU B 631 15.89 -1.20 0.09
C LEU B 631 16.11 0.14 -0.60
N LYS B 632 17.36 0.40 -0.96
CA LYS B 632 17.70 1.62 -1.67
C LYS B 632 17.33 1.41 -3.14
N HIS B 633 17.55 0.19 -3.62
CA HIS B 633 17.25 -0.18 -5.00
C HIS B 633 16.43 -1.45 -5.03
N PRO B 634 15.12 -1.34 -4.83
CA PRO B 634 14.21 -2.49 -4.82
C PRO B 634 13.90 -3.04 -6.21
N PRO B 635 13.20 -4.20 -6.29
CA PRO B 635 12.85 -4.75 -7.59
C PRO B 635 12.15 -3.62 -8.37
N PRO B 636 12.61 -3.33 -9.59
CA PRO B 636 12.06 -2.27 -10.43
C PRO B 636 10.58 -2.40 -10.77
N MET B 637 9.91 -1.26 -10.94
CA MET B 637 8.50 -1.25 -11.32
C MET B 637 8.43 -1.92 -12.69
N MET B 638 7.48 -2.81 -12.88
CA MET B 638 7.32 -3.45 -14.17
C MET B 638 5.97 -2.98 -14.73
N LEU B 639 6.02 -2.11 -15.72
CA LEU B 639 4.82 -1.55 -16.31
C LEU B 639 4.42 -2.23 -17.59
N ILE B 640 3.12 -2.28 -17.83
CA ILE B 640 2.61 -2.91 -19.02
C ILE B 640 1.35 -2.21 -19.46
N LYS B 641 1.14 -2.11 -20.76
CA LYS B 641 -0.09 -1.53 -21.29
C LYS B 641 -0.41 -2.08 -22.66
N ASN B 642 -1.69 -2.01 -23.01
CA ASN B 642 -2.15 -2.45 -24.32
C ASN B 642 -1.88 -1.34 -25.32
N THR B 643 -1.13 -1.65 -26.37
CA THR B 643 -0.84 -0.65 -27.40
C THR B 643 -2.16 -0.23 -28.05
N PRO B 644 -2.39 1.08 -28.20
CA PRO B 644 -3.63 1.56 -28.82
C PRO B 644 -3.82 1.19 -30.30
N VAL B 645 -5.06 0.88 -30.66
CA VAL B 645 -5.37 0.56 -32.05
C VAL B 645 -6.53 1.45 -32.48
N PRO B 646 -6.25 2.42 -33.36
CA PRO B 646 -7.24 3.36 -33.88
C PRO B 646 -8.45 2.72 -34.54
N GLY B 647 -9.60 3.36 -34.40
CA GLY B 647 -10.80 2.87 -35.02
C GLY B 647 -10.75 3.32 -36.47
N ASN B 648 -11.87 3.26 -37.17
CA ASN B 648 -11.92 3.64 -38.59
C ASN B 648 -11.81 5.15 -38.80
N ILE B 649 -10.60 5.62 -39.09
CA ILE B 649 -10.38 7.04 -39.35
C ILE B 649 -10.33 7.23 -40.86
N THR B 650 -11.22 8.06 -41.40
CA THR B 650 -11.27 8.28 -42.83
C THR B 650 -10.59 9.55 -43.33
N SER B 651 -10.81 10.67 -42.63
CA SER B 651 -10.21 11.92 -43.03
C SER B 651 -9.03 12.32 -42.17
N PHE B 652 -8.33 13.36 -42.60
CA PHE B 652 -7.18 13.86 -41.88
C PHE B 652 -7.59 14.91 -40.84
N SER B 653 -6.79 15.02 -39.79
CA SER B 653 -7.02 15.99 -38.74
C SER B 653 -5.72 16.14 -37.95
N ASP B 654 -5.41 17.36 -37.54
CA ASP B 654 -4.20 17.62 -36.78
C ASP B 654 -4.43 17.30 -35.30
N VAL B 655 -5.66 16.91 -34.98
CA VAL B 655 -6.03 16.57 -33.61
C VAL B 655 -5.84 15.07 -33.40
N PRO B 656 -5.19 14.67 -32.30
CA PRO B 656 -4.96 13.24 -32.00
C PRO B 656 -6.26 12.45 -32.06
N VAL B 657 -6.23 11.25 -32.65
CA VAL B 657 -7.43 10.44 -32.76
C VAL B 657 -7.88 9.98 -31.37
N SER B 658 -9.19 9.99 -31.16
CA SER B 658 -9.77 9.60 -29.88
C SER B 658 -10.52 8.27 -29.97
N SER B 659 -10.86 7.85 -31.19
CA SER B 659 -11.58 6.60 -31.41
C SER B 659 -10.66 5.39 -31.50
N PHE B 660 -10.77 4.50 -30.52
CA PHE B 660 -9.95 3.30 -30.48
C PHE B 660 -10.78 2.03 -30.41
N ILE B 661 -10.18 0.93 -30.85
CA ILE B 661 -10.84 -0.37 -30.78
C ILE B 661 -10.63 -0.85 -29.34
N THR B 662 -11.69 -1.29 -28.67
CA THR B 662 -11.56 -1.75 -27.30
C THR B 662 -10.92 -3.13 -27.18
N GLN B 663 -9.84 -3.19 -26.42
CA GLN B 663 -9.10 -4.43 -26.22
C GLN B 663 -8.72 -4.65 -24.77
N TYR B 664 -8.23 -5.83 -24.48
CA TYR B 664 -7.73 -6.18 -23.17
C TYR B 664 -6.80 -7.35 -23.42
N SER B 665 -5.77 -7.49 -22.61
CA SER B 665 -4.87 -8.59 -22.83
C SER B 665 -4.80 -9.49 -21.60
N THR B 666 -4.20 -10.65 -21.78
CA THR B 666 -4.05 -11.63 -20.72
C THR B 666 -2.79 -12.42 -20.99
N GLY B 667 -2.29 -13.09 -19.97
CA GLY B 667 -1.11 -13.89 -20.14
C GLY B 667 -0.73 -14.49 -18.84
N GLN B 668 0.46 -15.05 -18.79
CA GLN B 668 0.95 -15.62 -17.58
C GLN B 668 2.18 -14.85 -17.15
N VAL B 669 2.43 -14.89 -15.85
CA VAL B 669 3.59 -14.25 -15.25
C VAL B 669 4.19 -15.23 -14.27
N THR B 670 5.50 -15.37 -14.31
CA THR B 670 6.17 -16.25 -13.39
C THR B 670 7.24 -15.46 -12.67
N VAL B 671 7.27 -15.61 -11.35
CA VAL B 671 8.27 -14.93 -10.56
C VAL B 671 9.05 -15.96 -9.78
N GLU B 672 10.37 -15.93 -9.94
CA GLU B 672 11.25 -16.85 -9.23
C GLU B 672 12.12 -16.07 -8.25
N MET B 673 12.08 -16.46 -6.98
CA MET B 673 12.87 -15.78 -5.95
C MET B 673 13.78 -16.71 -5.19
N GLU B 674 15.02 -16.31 -5.00
CA GLU B 674 15.92 -17.11 -4.20
C GLU B 674 16.04 -16.42 -2.85
N TRP B 675 15.92 -17.19 -1.78
CA TRP B 675 16.01 -16.65 -0.44
C TRP B 675 17.18 -17.31 0.26
N GLU B 676 17.84 -16.57 1.14
CA GLU B 676 18.95 -17.09 1.91
C GLU B 676 18.42 -17.32 3.33
N LEU B 677 18.72 -18.48 3.89
CA LEU B 677 18.24 -18.81 5.23
C LEU B 677 19.33 -18.81 6.28
N LYS B 678 18.95 -18.49 7.51
CA LYS B 678 19.87 -18.51 8.63
C LYS B 678 19.43 -19.71 9.50
N LYS B 679 20.28 -20.73 9.57
CA LYS B 679 19.97 -21.93 10.35
C LYS B 679 19.82 -21.65 11.85
N GLU B 680 18.90 -22.37 12.50
CA GLU B 680 18.72 -22.23 13.93
C GLU B 680 19.88 -23.04 14.54
N ASN B 681 20.46 -22.56 15.63
CA ASN B 681 21.57 -23.26 16.26
C ASN B 681 21.44 -23.11 17.77
N SER B 682 20.42 -23.74 18.34
CA SER B 682 20.18 -23.62 19.78
C SER B 682 20.51 -24.86 20.60
N LYS B 683 20.68 -24.62 21.89
CA LYS B 683 20.99 -25.67 22.83
C LYS B 683 19.87 -25.74 23.87
N ARG B 684 18.71 -25.21 23.50
CA ARG B 684 17.55 -25.27 24.38
C ARG B 684 17.24 -26.78 24.48
N TRP B 685 16.96 -27.25 25.69
CA TRP B 685 16.69 -28.66 25.93
C TRP B 685 15.23 -29.06 25.69
N ASN B 686 14.31 -28.34 26.33
CA ASN B 686 12.89 -28.59 26.24
C ASN B 686 12.35 -28.18 24.86
N PRO B 687 11.20 -28.73 24.44
CA PRO B 687 10.60 -28.40 23.14
C PRO B 687 10.21 -26.93 22.96
N GLU B 688 10.28 -26.46 21.72
CA GLU B 688 9.93 -25.10 21.36
C GLU B 688 8.47 -24.98 20.90
N ILE B 689 7.99 -23.75 20.80
CA ILE B 689 6.65 -23.48 20.30
C ILE B 689 6.76 -23.55 18.78
N GLN B 690 5.77 -24.14 18.14
CA GLN B 690 5.79 -24.28 16.69
C GLN B 690 4.46 -23.83 16.17
N TYR B 691 4.42 -23.30 14.96
CA TYR B 691 3.14 -22.92 14.39
C TYR B 691 2.51 -24.25 13.99
N THR B 692 1.26 -24.48 14.36
CA THR B 692 0.63 -25.74 14.03
C THR B 692 -0.81 -25.58 13.55
N ASN B 693 -1.22 -26.46 12.65
CA ASN B 693 -2.57 -26.47 12.09
C ASN B 693 -3.54 -26.99 13.15
N ASN B 694 -3.78 -26.21 14.20
CA ASN B 694 -4.65 -26.65 15.29
C ASN B 694 -6.00 -25.94 15.35
N TYR B 695 -7.05 -26.67 15.02
CA TYR B 695 -8.41 -26.12 15.05
C TYR B 695 -9.29 -27.14 15.76
N ASN B 696 -10.25 -26.65 16.54
CA ASN B 696 -11.15 -27.55 17.26
C ASN B 696 -12.51 -27.62 16.57
N ASP B 697 -12.85 -28.79 16.04
CA ASP B 697 -14.11 -29.00 15.34
C ASP B 697 -14.17 -28.13 14.08
N PRO B 698 -13.25 -28.36 13.14
CA PRO B 698 -13.20 -27.58 11.90
C PRO B 698 -14.41 -27.83 11.01
N GLN B 699 -14.99 -26.75 10.47
CA GLN B 699 -16.13 -26.88 9.57
C GLN B 699 -15.62 -26.80 8.14
N PHE B 700 -14.37 -26.39 7.99
CA PHE B 700 -13.71 -26.28 6.70
C PHE B 700 -12.20 -26.26 6.92
N VAL B 701 -11.44 -26.48 5.86
CA VAL B 701 -9.99 -26.47 5.96
C VAL B 701 -9.46 -25.06 5.74
N ASP B 702 -8.67 -24.56 6.70
CA ASP B 702 -8.08 -23.22 6.59
C ASP B 702 -7.03 -23.31 5.50
N PHE B 703 -6.85 -22.22 4.75
CA PHE B 703 -5.88 -22.17 3.66
C PHE B 703 -6.22 -23.20 2.60
N ALA B 704 -7.50 -23.27 2.29
CA ALA B 704 -8.02 -24.19 1.28
C ALA B 704 -9.27 -23.54 0.72
N PRO B 705 -9.68 -23.95 -0.48
CA PRO B 705 -10.90 -23.35 -1.05
C PRO B 705 -12.11 -24.02 -0.39
N ASP B 706 -13.19 -23.26 -0.22
CA ASP B 706 -14.40 -23.82 0.38
C ASP B 706 -15.33 -24.38 -0.70
N GLY B 707 -16.56 -24.68 -0.31
CA GLY B 707 -17.53 -25.22 -1.26
C GLY B 707 -17.81 -24.38 -2.49
N SER B 708 -17.72 -23.06 -2.34
CA SER B 708 -17.98 -22.15 -3.44
C SER B 708 -16.72 -21.83 -4.25
N GLY B 709 -15.61 -22.46 -3.88
CA GLY B 709 -14.37 -22.23 -4.58
C GLY B 709 -13.51 -21.11 -4.02
N GLU B 710 -14.04 -20.40 -3.03
CA GLU B 710 -13.31 -19.28 -2.41
C GLU B 710 -12.21 -19.73 -1.44
N TYR B 711 -11.02 -19.16 -1.64
CA TYR B 711 -9.87 -19.46 -0.81
C TYR B 711 -10.08 -18.85 0.58
N ARG B 712 -10.02 -19.68 1.62
CA ARG B 712 -10.22 -19.21 3.00
C ARG B 712 -8.92 -19.14 3.79
N THR B 713 -8.81 -18.09 4.60
CA THR B 713 -7.65 -17.86 5.45
C THR B 713 -8.15 -17.21 6.74
N THR B 714 -8.07 -17.96 7.83
CA THR B 714 -8.55 -17.46 9.12
C THR B 714 -7.46 -16.93 10.04
N ARG B 715 -6.20 -17.03 9.63
CA ARG B 715 -5.13 -16.56 10.51
C ARG B 715 -3.99 -15.84 9.82
N ALA B 716 -3.45 -14.82 10.49
CA ALA B 716 -2.30 -14.10 9.98
C ALA B 716 -1.14 -14.85 10.62
N ILE B 717 -0.27 -15.42 9.80
CA ILE B 717 0.85 -16.18 10.33
C ILE B 717 2.13 -15.36 10.35
N GLY B 718 2.65 -15.13 11.56
CA GLY B 718 3.87 -14.37 11.73
C GLY B 718 5.13 -15.18 11.48
N THR B 719 6.23 -14.75 12.07
CA THR B 719 7.49 -15.43 11.85
C THR B 719 8.19 -15.84 13.14
N ARG B 720 7.79 -15.23 14.25
CA ARG B 720 8.41 -15.49 15.54
C ARG B 720 7.91 -16.67 16.38
N TYR B 721 8.56 -17.82 16.24
CA TYR B 721 8.19 -19.01 17.00
C TYR B 721 9.36 -19.57 17.79
N LEU B 722 10.53 -19.61 17.17
CA LEU B 722 11.72 -20.10 17.84
C LEU B 722 12.21 -19.05 18.82
N THR B 723 12.96 -19.47 19.83
CA THR B 723 13.49 -18.57 20.84
C THR B 723 15.01 -18.56 20.87
N ARG B 724 15.56 -17.50 21.45
CA ARG B 724 16.99 -17.33 21.59
C ARG B 724 17.25 -16.55 22.86
N PRO B 725 18.33 -16.87 23.58
CA PRO B 725 18.58 -16.11 24.80
C PRO B 725 19.20 -14.78 24.34
N LEU B 726 19.10 -13.73 25.14
CA LEU B 726 19.66 -12.45 24.74
C LEU B 726 21.19 -12.40 24.82
#